data_2P5P
#
_entry.id   2P5P
#
_cell.length_a   52.560
_cell.length_b   59.690
_cell.length_c   95.030
_cell.angle_alpha   90.00
_cell.angle_beta   90.00
_cell.angle_gamma   90.00
#
_symmetry.space_group_name_H-M   'P 21 21 21'
#
loop_
_entity.id
_entity.type
_entity.pdbx_description
1 polymer 'Genome polyprotein'
2 water water
#
_entity_poly.entity_id   1
_entity_poly.type   'polypeptide(L)'
_entity_poly.pdbx_seq_one_letter_code
;GTTYGVCSKAFKFLGTPADTGHGTVVLELQYTGTDGPCKVPISSVASLNDLTPVGRLVTVNPFVSVATANAKVLIELEPP
FGDSYIVVGRGEQQINHHWHKSGSSIGKAFTTTLKGA
;
_entity_poly.pdbx_strand_id   A,B,C
#
# COMPACT_ATOMS: atom_id res chain seq x y z
N THR A 2 -9.27 5.90 7.34
CA THR A 2 -8.98 6.31 5.93
C THR A 2 -7.46 6.42 5.71
N THR A 3 -7.04 6.50 4.45
CA THR A 3 -5.63 6.63 4.13
C THR A 3 -5.37 7.84 3.25
N TYR A 4 -4.56 8.75 3.78
CA TYR A 4 -4.18 9.96 3.07
C TYR A 4 -3.37 9.57 1.82
N GLY A 5 -2.49 10.46 1.39
CA GLY A 5 -1.69 10.21 0.20
C GLY A 5 -0.41 9.42 0.43
N VAL A 6 0.69 10.02 0.03
CA VAL A 6 1.97 9.37 0.20
C VAL A 6 2.64 9.89 1.48
N CYS A 7 3.54 9.09 2.02
CA CYS A 7 4.27 9.47 3.22
C CYS A 7 5.26 10.53 2.77
N SER A 8 5.17 11.71 3.36
CA SER A 8 6.05 12.82 3.00
C SER A 8 7.38 12.81 3.74
N LYS A 9 7.57 11.83 4.60
CA LYS A 9 8.80 11.78 5.36
C LYS A 9 9.67 10.61 4.95
N ALA A 10 10.96 10.71 5.29
CA ALA A 10 11.92 9.66 4.97
C ALA A 10 11.80 8.43 5.86
N PHE A 11 12.27 7.30 5.33
CA PHE A 11 12.28 6.06 6.06
C PHE A 11 13.75 5.69 6.22
N LYS A 12 14.04 4.84 7.19
CA LYS A 12 15.40 4.40 7.40
C LYS A 12 15.47 2.90 7.14
N PHE A 13 16.62 2.43 6.65
CA PHE A 13 16.76 1.00 6.41
C PHE A 13 17.15 0.35 7.74
N LEU A 14 16.33 -0.60 8.21
CA LEU A 14 16.63 -1.31 9.45
C LEU A 14 17.12 -2.69 9.04
N GLY A 15 18.24 -3.12 9.60
CA GLY A 15 18.75 -4.42 9.22
C GLY A 15 19.06 -4.37 7.74
N THR A 16 19.49 -5.51 7.20
CA THR A 16 19.83 -5.61 5.79
C THR A 16 18.71 -6.33 5.02
N PRO A 17 18.42 -5.86 3.79
CA PRO A 17 17.37 -6.51 2.99
C PRO A 17 17.52 -8.02 3.07
N ALA A 18 16.46 -8.68 3.54
CA ALA A 18 16.49 -10.13 3.70
C ALA A 18 16.14 -10.87 2.42
N ASP A 19 16.94 -11.87 2.06
CA ASP A 19 16.68 -12.69 0.87
C ASP A 19 15.81 -13.88 1.27
N THR A 20 14.57 -13.90 0.79
CA THR A 20 13.62 -14.96 1.11
C THR A 20 14.02 -16.37 0.69
N GLY A 21 14.80 -16.47 -0.36
CA GLY A 21 15.18 -17.78 -0.86
C GLY A 21 14.51 -17.93 -2.23
N HIS A 22 13.30 -17.40 -2.40
CA HIS A 22 12.61 -17.47 -3.71
C HIS A 22 13.51 -16.67 -4.63
N GLY A 23 13.20 -15.38 -4.68
CA GLY A 23 13.92 -14.42 -5.48
C GLY A 23 13.47 -13.05 -5.01
N THR A 24 12.94 -13.01 -3.81
CA THR A 24 12.47 -11.75 -3.27
C THR A 24 13.35 -11.29 -2.15
N VAL A 25 12.98 -10.16 -1.55
CA VAL A 25 13.70 -9.58 -0.44
C VAL A 25 12.68 -8.91 0.44
N VAL A 26 12.89 -8.99 1.75
CA VAL A 26 12.00 -8.38 2.73
C VAL A 26 12.74 -7.18 3.26
N LEU A 27 12.02 -6.08 3.37
CA LEU A 27 12.60 -4.85 3.84
C LEU A 27 12.01 -4.49 5.18
N GLU A 28 12.89 -4.14 6.10
CA GLU A 28 12.53 -3.76 7.45
C GLU A 28 12.65 -2.25 7.49
N LEU A 29 11.50 -1.60 7.30
CA LEU A 29 11.49 -0.16 7.24
C LEU A 29 10.87 0.54 8.42
N GLN A 30 11.57 1.55 8.90
CA GLN A 30 11.07 2.35 10.00
C GLN A 30 10.71 3.70 9.35
N TYR A 31 9.54 4.25 9.72
CA TYR A 31 9.12 5.55 9.19
C TYR A 31 9.32 6.67 10.24
N THR A 32 10.03 7.70 9.82
CA THR A 32 10.33 8.85 10.67
C THR A 32 9.14 9.78 10.74
N GLY A 33 8.18 9.55 9.84
CA GLY A 33 7.01 10.39 9.79
C GLY A 33 5.86 10.13 10.74
N THR A 34 4.95 11.09 10.79
CA THR A 34 3.75 11.01 11.63
C THR A 34 2.52 11.35 10.79
N ASP A 35 2.73 11.73 9.54
CA ASP A 35 1.61 12.08 8.67
C ASP A 35 0.75 10.86 8.27
N GLY A 36 1.26 9.67 8.56
CA GLY A 36 0.53 8.46 8.23
C GLY A 36 -0.75 8.39 9.03
N PRO A 37 -1.70 7.51 8.65
CA PRO A 37 -1.63 6.59 7.50
C PRO A 37 -1.27 7.30 6.22
N CYS A 38 -0.35 6.68 5.49
CA CYS A 38 0.12 7.19 4.22
C CYS A 38 0.62 6.03 3.40
N LYS A 39 0.95 6.30 2.15
CA LYS A 39 1.44 5.26 1.26
C LYS A 39 2.94 5.39 1.20
N VAL A 40 3.63 4.25 1.21
CA VAL A 40 5.09 4.21 1.14
C VAL A 40 5.60 4.33 -0.32
N PRO A 41 6.34 5.40 -0.63
CA PRO A 41 6.86 5.57 -2.00
C PRO A 41 8.09 4.71 -2.19
N ILE A 42 7.86 3.46 -2.51
CA ILE A 42 8.96 2.55 -2.71
C ILE A 42 8.77 1.84 -4.02
N SER A 43 9.86 1.46 -4.66
CA SER A 43 9.78 0.75 -5.92
C SER A 43 11.14 0.15 -6.26
N SER A 44 11.13 -0.97 -6.97
CA SER A 44 12.36 -1.64 -7.39
C SER A 44 12.74 -1.16 -8.79
N VAL A 45 13.70 -0.24 -8.87
CA VAL A 45 14.11 0.30 -10.16
C VAL A 45 15.45 -0.26 -10.55
N ALA A 46 15.77 -0.18 -11.83
CA ALA A 46 17.06 -0.65 -12.35
C ALA A 46 18.18 0.16 -11.70
N SER A 47 18.25 1.44 -12.04
CA SER A 47 19.27 2.31 -11.44
C SER A 47 18.81 3.70 -11.05
N LEU A 48 19.54 4.26 -10.09
CA LEU A 48 19.32 5.58 -9.52
C LEU A 48 18.97 6.63 -10.57
N ASN A 49 19.38 6.40 -11.81
CA ASN A 49 19.14 7.37 -12.88
C ASN A 49 17.78 7.24 -13.55
N ASP A 50 17.15 6.08 -13.39
CA ASP A 50 15.86 5.84 -13.99
C ASP A 50 14.94 5.20 -12.96
N LEU A 51 13.88 5.92 -12.61
CA LEU A 51 12.92 5.46 -11.64
C LEU A 51 11.80 4.60 -12.24
N THR A 52 11.96 4.23 -13.50
CA THR A 52 10.99 3.38 -14.19
C THR A 52 11.02 2.03 -13.50
N PRO A 53 9.94 1.68 -12.79
CA PRO A 53 9.87 0.40 -12.08
C PRO A 53 10.25 -0.82 -12.93
N VAL A 54 11.10 -1.68 -12.37
CA VAL A 54 11.58 -2.88 -13.08
C VAL A 54 11.45 -4.12 -12.21
N GLY A 55 10.93 -3.95 -11.01
CA GLY A 55 10.75 -5.08 -10.14
C GLY A 55 9.30 -4.95 -9.77
N ARG A 56 8.81 -5.91 -8.98
CA ARG A 56 7.41 -5.91 -8.54
C ARG A 56 7.24 -6.20 -7.04
N LEU A 57 6.24 -5.57 -6.42
CA LEU A 57 5.98 -5.79 -4.99
C LEU A 57 5.12 -7.03 -4.79
N VAL A 58 5.34 -7.72 -3.67
CA VAL A 58 4.57 -8.91 -3.35
C VAL A 58 3.60 -8.34 -2.35
N THR A 59 4.10 -7.50 -1.47
CA THR A 59 3.23 -6.84 -0.52
C THR A 59 2.88 -5.54 -1.24
N VAL A 60 1.88 -5.63 -2.12
CA VAL A 60 1.45 -4.48 -2.91
C VAL A 60 0.75 -3.32 -2.15
N ASN A 61 0.98 -2.12 -2.66
CA ASN A 61 0.39 -0.91 -2.12
C ASN A 61 0.77 -0.68 -0.67
N PRO A 62 2.07 -0.65 -0.39
CA PRO A 62 2.63 -0.44 0.96
C PRO A 62 1.87 0.57 1.82
N PHE A 63 1.67 0.27 3.10
CA PHE A 63 0.94 1.16 4.00
C PHE A 63 1.65 1.41 5.31
N VAL A 64 1.62 2.65 5.78
CA VAL A 64 2.16 2.99 7.09
C VAL A 64 0.84 3.34 7.76
N SER A 65 0.25 2.37 8.46
CA SER A 65 -1.06 2.53 9.08
C SER A 65 -1.20 3.28 10.40
N VAL A 66 -0.13 3.88 10.89
CA VAL A 66 -0.21 4.63 12.15
C VAL A 66 0.32 6.05 12.05
N ALA A 67 -0.14 6.89 12.96
CA ALA A 67 0.24 8.29 12.96
C ALA A 67 1.23 8.67 14.09
N THR A 68 1.98 7.68 14.56
CA THR A 68 3.02 7.90 15.57
C THR A 68 4.36 7.74 14.84
N ALA A 69 5.40 8.46 15.27
CA ALA A 69 6.71 8.36 14.61
C ALA A 69 7.46 7.07 14.91
N ASN A 70 8.42 6.79 14.03
CA ASN A 70 9.31 5.64 14.14
C ASN A 70 8.59 4.29 14.15
N ALA A 71 7.47 4.24 13.45
CA ALA A 71 6.68 3.03 13.36
C ALA A 71 7.58 1.95 12.76
N LYS A 72 7.02 1.05 11.96
CA LYS A 72 7.83 0.00 11.36
C LYS A 72 7.04 -0.79 10.34
N VAL A 73 7.59 -0.92 9.14
CA VAL A 73 6.89 -1.69 8.13
C VAL A 73 7.76 -2.77 7.50
N LEU A 74 7.10 -3.89 7.20
CA LEU A 74 7.74 -5.01 6.55
C LEU A 74 7.14 -5.09 5.17
N ILE A 75 8.00 -5.05 4.15
CA ILE A 75 7.49 -5.12 2.79
C ILE A 75 8.32 -6.06 1.92
N GLU A 76 7.68 -7.11 1.42
CA GLU A 76 8.34 -8.09 0.56
C GLU A 76 8.41 -7.53 -0.86
N LEU A 77 9.47 -7.87 -1.57
CA LEU A 77 9.67 -7.34 -2.91
C LEU A 77 10.40 -8.32 -3.80
N GLU A 78 10.10 -8.29 -5.08
CA GLU A 78 10.74 -9.16 -6.04
C GLU A 78 11.51 -8.30 -7.04
N PRO A 79 12.83 -8.24 -6.91
CA PRO A 79 13.60 -7.42 -7.85
C PRO A 79 13.78 -8.15 -9.17
N PRO A 80 14.41 -7.49 -10.15
CA PRO A 80 14.66 -8.11 -11.45
C PRO A 80 16.02 -8.79 -11.37
N PHE A 81 16.28 -9.76 -12.23
CA PHE A 81 17.57 -10.45 -12.19
C PHE A 81 18.68 -9.44 -12.44
N GLY A 82 19.83 -9.64 -11.81
CA GLY A 82 20.92 -8.72 -12.02
C GLY A 82 21.06 -7.71 -10.90
N ASP A 83 21.51 -6.52 -11.27
CA ASP A 83 21.73 -5.44 -10.32
C ASP A 83 20.61 -4.42 -10.31
N SER A 84 19.96 -4.28 -9.15
CA SER A 84 18.86 -3.34 -8.98
C SER A 84 18.97 -2.47 -7.72
N TYR A 85 18.26 -1.33 -7.74
CA TYR A 85 18.24 -0.42 -6.60
C TYR A 85 16.85 -0.35 -5.99
N ILE A 86 16.76 -0.65 -4.70
CA ILE A 86 15.51 -0.59 -3.96
C ILE A 86 15.39 0.86 -3.50
N VAL A 87 14.33 1.53 -3.96
CA VAL A 87 14.16 2.93 -3.61
C VAL A 87 12.96 3.23 -2.73
N VAL A 88 13.20 4.04 -1.70
CA VAL A 88 12.15 4.42 -0.77
C VAL A 88 12.16 5.94 -0.50
N GLY A 89 11.08 6.60 -0.85
CA GLY A 89 11.01 8.03 -0.65
C GLY A 89 11.29 8.72 -1.96
N ARG A 90 11.55 10.02 -1.89
CA ARG A 90 11.87 10.81 -3.08
C ARG A 90 12.29 12.20 -2.68
N GLY A 91 13.14 12.80 -3.49
CA GLY A 91 13.64 14.13 -3.20
C GLY A 91 14.84 13.90 -2.31
N GLU A 92 15.22 14.89 -1.50
CA GLU A 92 16.35 14.75 -0.59
C GLU A 92 15.94 13.77 0.51
N GLN A 93 14.78 13.14 0.33
CA GLN A 93 14.28 12.20 1.30
C GLN A 93 14.53 10.77 0.88
N GLN A 94 14.29 10.49 -0.39
CA GLN A 94 14.49 9.14 -0.92
C GLN A 94 15.77 8.41 -0.49
N ILE A 95 15.61 7.28 0.19
CA ILE A 95 16.75 6.45 0.59
C ILE A 95 17.08 5.49 -0.54
N ASN A 96 18.25 4.85 -0.47
CA ASN A 96 18.64 3.96 -1.54
C ASN A 96 19.41 2.73 -1.06
N HIS A 97 19.14 1.60 -1.70
CA HIS A 97 19.85 0.38 -1.35
C HIS A 97 20.03 -0.47 -2.60
N HIS A 98 21.24 -0.94 -2.82
CA HIS A 98 21.53 -1.79 -3.96
C HIS A 98 21.27 -3.25 -3.61
N TRP A 99 20.92 -4.00 -4.62
CA TRP A 99 20.65 -5.42 -4.48
C TRP A 99 21.16 -6.15 -5.72
N HIS A 100 21.40 -7.45 -5.59
CA HIS A 100 21.86 -8.25 -6.71
C HIS A 100 21.16 -9.61 -6.65
N LYS A 101 20.52 -9.99 -7.75
CA LYS A 101 19.85 -11.29 -7.80
C LYS A 101 20.70 -12.27 -8.60
N SER A 102 21.16 -13.35 -7.96
CA SER A 102 21.98 -14.36 -8.64
C SER A 102 21.15 -15.35 -9.46
N THR B 2 -12.90 31.15 -24.63
CA THR B 2 -12.05 31.63 -23.51
C THR B 2 -10.89 30.66 -23.29
N THR B 3 -9.88 31.07 -22.54
CA THR B 3 -8.70 30.26 -22.25
C THR B 3 -8.83 29.41 -20.96
N TYR B 4 -8.60 28.10 -21.08
CA TYR B 4 -8.71 27.21 -19.92
C TYR B 4 -7.40 26.52 -19.58
N GLY B 5 -6.90 26.72 -18.36
CA GLY B 5 -5.66 26.06 -17.96
C GLY B 5 -5.96 24.83 -17.15
N VAL B 6 -4.93 24.15 -16.63
CA VAL B 6 -5.13 22.95 -15.82
C VAL B 6 -5.83 23.33 -14.52
N CYS B 7 -6.42 22.37 -13.81
CA CYS B 7 -7.09 22.70 -12.55
C CYS B 7 -6.07 22.87 -11.43
N SER B 8 -6.21 23.99 -10.72
CA SER B 8 -5.36 24.37 -9.60
C SER B 8 -5.73 23.64 -8.31
N LYS B 9 -6.91 23.96 -7.79
CA LYS B 9 -7.39 23.33 -6.56
C LYS B 9 -7.37 21.80 -6.70
N ALA B 10 -7.55 21.11 -5.59
CA ALA B 10 -7.52 19.64 -5.59
C ALA B 10 -8.83 18.89 -5.79
N PHE B 11 -8.70 17.60 -6.10
CA PHE B 11 -9.86 16.73 -6.33
C PHE B 11 -10.11 15.68 -5.26
N LYS B 12 -11.38 15.32 -5.14
CA LYS B 12 -11.84 14.35 -4.19
C LYS B 12 -12.43 13.16 -4.94
N PHE B 13 -12.20 11.96 -4.40
CA PHE B 13 -12.71 10.72 -4.97
C PHE B 13 -14.10 10.43 -4.40
N LEU B 14 -15.05 10.11 -5.27
CA LEU B 14 -16.42 9.81 -4.85
C LEU B 14 -16.62 8.34 -5.11
N GLY B 15 -16.36 7.54 -4.08
CA GLY B 15 -16.48 6.10 -4.21
C GLY B 15 -15.14 5.53 -4.65
N THR B 16 -15.18 4.38 -5.31
CA THR B 16 -13.95 3.77 -5.78
C THR B 16 -14.05 3.54 -7.29
N PRO B 17 -12.91 3.52 -7.99
CA PRO B 17 -12.91 3.30 -9.43
C PRO B 17 -13.79 2.12 -9.70
N ALA B 18 -14.26 2.01 -10.94
CA ALA B 18 -15.14 0.91 -11.31
C ALA B 18 -14.66 0.15 -12.53
N ASP B 19 -14.50 -1.15 -12.36
CA ASP B 19 -14.09 -1.99 -13.46
C ASP B 19 -15.19 -1.85 -14.52
N THR B 20 -14.88 -2.01 -15.80
CA THR B 20 -15.93 -1.87 -16.82
C THR B 20 -16.11 -3.13 -17.68
N GLY B 21 -15.04 -3.88 -17.87
CA GLY B 21 -15.11 -5.07 -18.70
C GLY B 21 -14.64 -4.69 -20.09
N HIS B 22 -13.83 -3.62 -20.13
CA HIS B 22 -13.27 -3.11 -21.38
C HIS B 22 -11.77 -2.96 -21.12
N GLY B 23 -11.32 -3.55 -20.02
CA GLY B 23 -9.92 -3.44 -19.66
C GLY B 23 -9.66 -2.00 -19.29
N THR B 24 -10.72 -1.31 -18.87
CA THR B 24 -10.63 0.08 -18.46
C THR B 24 -11.32 0.23 -17.11
N VAL B 25 -11.20 1.41 -16.51
CA VAL B 25 -11.84 1.63 -15.24
C VAL B 25 -12.48 2.99 -15.32
N VAL B 26 -13.59 3.14 -14.60
CA VAL B 26 -14.32 4.39 -14.58
C VAL B 26 -14.35 4.93 -13.16
N LEU B 27 -14.40 6.24 -13.04
CA LEU B 27 -14.45 6.87 -11.73
C LEU B 27 -15.11 8.25 -11.78
N GLU B 28 -15.56 8.69 -10.61
CA GLU B 28 -16.19 9.99 -10.45
C GLU B 28 -15.30 10.84 -9.52
N LEU B 29 -15.40 12.16 -9.64
CA LEU B 29 -14.61 13.05 -8.81
C LEU B 29 -15.39 14.26 -8.36
N GLN B 30 -14.71 15.15 -7.66
CA GLN B 30 -15.30 16.38 -7.20
C GLN B 30 -14.21 17.44 -7.14
N TYR B 31 -14.49 18.62 -7.70
CA TYR B 31 -13.49 19.69 -7.71
C TYR B 31 -13.66 20.77 -6.63
N THR B 32 -12.68 20.81 -5.73
CA THR B 32 -12.66 21.77 -4.63
C THR B 32 -12.47 23.19 -5.15
N GLY B 33 -12.07 23.31 -6.42
CA GLY B 33 -11.87 24.62 -6.99
C GLY B 33 -13.16 25.32 -7.39
N THR B 34 -13.03 26.58 -7.74
CA THR B 34 -14.15 27.41 -8.17
C THR B 34 -13.70 28.15 -9.43
N ASP B 35 -12.41 28.02 -9.74
CA ASP B 35 -11.83 28.68 -10.89
C ASP B 35 -12.44 28.18 -12.19
N GLY B 36 -13.72 28.52 -12.38
CA GLY B 36 -14.47 28.12 -13.55
C GLY B 36 -14.09 26.78 -14.13
N PRO B 37 -14.18 26.62 -15.46
CA PRO B 37 -13.85 25.37 -16.18
C PRO B 37 -12.34 25.11 -16.28
N CYS B 38 -11.92 23.86 -16.13
CA CYS B 38 -10.50 23.52 -16.22
C CYS B 38 -10.23 22.03 -16.49
N LYS B 39 -9.02 21.74 -16.98
CA LYS B 39 -8.61 20.38 -17.27
C LYS B 39 -8.10 19.65 -16.04
N VAL B 40 -8.68 18.47 -15.79
CA VAL B 40 -8.31 17.65 -14.66
C VAL B 40 -6.96 16.99 -14.87
N PRO B 41 -6.02 17.18 -13.94
CA PRO B 41 -4.72 16.53 -14.14
C PRO B 41 -4.89 15.10 -13.61
N ILE B 42 -5.07 14.16 -14.52
CA ILE B 42 -5.25 12.78 -14.13
C ILE B 42 -4.44 11.89 -15.05
N SER B 43 -3.55 11.10 -14.45
CA SER B 43 -2.71 10.19 -15.20
C SER B 43 -2.62 8.83 -14.53
N SER B 44 -2.07 7.87 -15.26
CA SER B 44 -1.88 6.53 -14.73
C SER B 44 -0.37 6.36 -14.57
N VAL B 45 0.07 6.03 -13.37
CA VAL B 45 1.48 5.87 -13.13
C VAL B 45 1.82 4.44 -12.75
N ALA B 46 3.10 4.10 -12.81
CA ALA B 46 3.55 2.76 -12.48
C ALA B 46 3.93 2.63 -11.01
N SER B 47 4.50 3.69 -10.45
CA SER B 47 4.93 3.71 -9.04
C SER B 47 4.71 5.08 -8.46
N LEU B 48 4.88 5.20 -7.15
CA LEU B 48 4.75 6.49 -6.49
C LEU B 48 6.11 7.19 -6.55
N ASN B 49 7.08 6.57 -7.26
CA ASN B 49 8.43 7.14 -7.36
C ASN B 49 8.70 7.76 -8.72
N ASP B 50 7.91 7.33 -9.70
CA ASP B 50 8.01 7.83 -11.05
C ASP B 50 6.59 7.97 -11.62
N LEU B 51 6.22 9.21 -11.90
CA LEU B 51 4.89 9.53 -12.41
C LEU B 51 4.74 9.53 -13.92
N THR B 52 5.70 8.97 -14.64
CA THR B 52 5.59 8.93 -16.09
C THR B 52 4.32 8.20 -16.50
N PRO B 53 3.31 8.94 -16.96
CA PRO B 53 2.04 8.34 -17.39
C PRO B 53 2.25 7.09 -18.24
N VAL B 54 1.88 5.94 -17.70
CA VAL B 54 1.99 4.67 -18.42
C VAL B 54 0.64 4.10 -18.85
N GLY B 55 -0.44 4.82 -18.54
CA GLY B 55 -1.75 4.34 -18.96
C GLY B 55 -2.36 5.37 -19.89
N ARG B 56 -3.54 5.09 -20.41
CA ARG B 56 -4.19 6.04 -21.29
C ARG B 56 -5.56 6.49 -20.81
N LEU B 57 -5.81 7.79 -20.95
CA LEU B 57 -7.09 8.35 -20.55
C LEU B 57 -8.10 8.05 -21.63
N VAL B 58 -8.95 7.06 -21.40
CA VAL B 58 -9.97 6.73 -22.38
C VAL B 58 -10.81 7.99 -22.56
N THR B 59 -11.50 8.39 -21.50
CA THR B 59 -12.30 9.60 -21.56
C THR B 59 -11.28 10.71 -21.79
N VAL B 60 -11.16 11.10 -23.06
CA VAL B 60 -10.20 12.12 -23.45
C VAL B 60 -10.52 13.52 -23.00
N ASN B 61 -9.49 14.12 -22.41
CA ASN B 61 -9.53 15.48 -21.88
C ASN B 61 -10.59 15.72 -20.82
N PRO B 62 -10.35 15.21 -19.61
CA PRO B 62 -11.27 15.36 -18.49
C PRO B 62 -11.22 16.84 -18.09
N PHE B 63 -12.37 17.48 -18.14
CA PHE B 63 -12.47 18.91 -17.84
C PHE B 63 -13.54 19.12 -16.77
N VAL B 64 -13.38 20.18 -15.98
CA VAL B 64 -14.41 20.54 -15.02
C VAL B 64 -15.20 21.41 -16.00
N SER B 65 -16.44 21.04 -16.24
CA SER B 65 -17.29 21.72 -17.20
C SER B 65 -17.90 23.06 -16.82
N VAL B 66 -17.74 23.50 -15.58
CA VAL B 66 -18.36 24.76 -15.17
C VAL B 66 -17.72 25.44 -13.98
N ALA B 67 -18.19 26.65 -13.71
CA ALA B 67 -17.69 27.48 -12.63
C ALA B 67 -18.30 27.12 -11.27
N THR B 68 -19.17 26.11 -11.27
CA THR B 68 -19.84 25.70 -10.05
C THR B 68 -18.97 24.84 -9.15
N ALA B 69 -18.52 25.41 -8.03
CA ALA B 69 -17.69 24.67 -7.09
C ALA B 69 -18.35 23.34 -6.72
N ASN B 70 -17.53 22.36 -6.34
CA ASN B 70 -18.02 21.04 -5.97
C ASN B 70 -18.63 20.37 -7.20
N ALA B 71 -17.92 20.53 -8.31
CA ALA B 71 -18.34 19.97 -9.58
C ALA B 71 -18.33 18.45 -9.52
N LYS B 72 -18.84 17.83 -10.58
CA LYS B 72 -18.89 16.38 -10.69
C LYS B 72 -18.35 15.99 -12.06
N VAL B 73 -17.31 15.14 -12.07
CA VAL B 73 -16.74 14.68 -13.31
C VAL B 73 -16.71 13.16 -13.29
N LEU B 74 -16.48 12.56 -14.45
CA LEU B 74 -16.43 11.11 -14.56
C LEU B 74 -15.40 10.92 -15.62
N ILE B 75 -14.56 9.90 -15.47
CA ILE B 75 -13.52 9.64 -16.45
C ILE B 75 -13.21 8.14 -16.57
N GLU B 76 -13.11 7.67 -17.80
CA GLU B 76 -12.81 6.26 -18.05
C GLU B 76 -11.37 6.25 -18.51
N LEU B 77 -10.55 5.46 -17.85
CA LEU B 77 -9.15 5.38 -18.22
C LEU B 77 -8.77 3.94 -18.48
N GLU B 78 -7.72 3.75 -19.27
CA GLU B 78 -7.22 2.42 -19.58
C GLU B 78 -5.85 2.28 -18.91
N PRO B 79 -5.82 1.57 -17.77
CA PRO B 79 -4.58 1.36 -17.03
C PRO B 79 -3.79 0.24 -17.65
N PRO B 80 -2.54 0.08 -17.22
CA PRO B 80 -1.73 -0.99 -17.77
C PRO B 80 -2.19 -2.28 -17.11
N PHE B 81 -1.62 -3.40 -17.52
CA PHE B 81 -1.97 -4.69 -16.94
C PHE B 81 -1.08 -4.86 -15.70
N GLY B 82 -1.68 -5.30 -14.60
CA GLY B 82 -0.95 -5.45 -13.37
C GLY B 82 -1.32 -4.39 -12.35
N ASP B 83 -0.33 -3.90 -11.61
CA ASP B 83 -0.60 -2.89 -10.59
C ASP B 83 -0.27 -1.49 -11.09
N SER B 84 -1.08 -0.51 -10.70
CA SER B 84 -0.87 0.90 -11.09
C SER B 84 -1.50 1.82 -10.06
N TYR B 85 -1.33 3.10 -10.28
CA TYR B 85 -1.90 4.10 -9.38
C TYR B 85 -2.65 5.11 -10.21
N ILE B 86 -3.86 5.46 -9.76
CA ILE B 86 -4.65 6.48 -10.45
C ILE B 86 -4.20 7.75 -9.73
N VAL B 87 -3.75 8.73 -10.52
CA VAL B 87 -3.26 9.99 -9.97
C VAL B 87 -4.11 11.16 -10.44
N VAL B 88 -4.24 12.16 -9.55
CA VAL B 88 -5.01 13.35 -9.84
C VAL B 88 -4.39 14.59 -9.24
N GLY B 89 -4.00 15.54 -10.11
CA GLY B 89 -3.41 16.78 -9.64
C GLY B 89 -1.92 16.70 -9.34
N ARG B 90 -1.38 17.71 -8.68
CA ARG B 90 0.04 17.70 -8.34
C ARG B 90 0.34 18.29 -6.97
N GLY B 91 1.51 17.98 -6.44
CA GLY B 91 1.95 18.48 -5.15
C GLY B 91 1.06 18.21 -3.95
N GLU B 92 0.54 19.26 -3.36
CA GLU B 92 -0.32 19.15 -2.18
C GLU B 92 -1.78 18.83 -2.54
N GLN B 93 -2.08 18.78 -3.84
CA GLN B 93 -3.45 18.50 -4.27
C GLN B 93 -3.60 17.04 -4.73
N GLN B 94 -2.47 16.35 -4.86
CA GLN B 94 -2.44 14.96 -5.31
C GLN B 94 -3.22 13.93 -4.51
N ILE B 95 -4.00 13.13 -5.24
CA ILE B 95 -4.78 12.07 -4.64
C ILE B 95 -4.62 10.86 -5.55
N ASN B 96 -4.51 9.66 -4.97
CA ASN B 96 -4.35 8.49 -5.79
C ASN B 96 -5.06 7.30 -5.19
N HIS B 97 -5.30 6.30 -6.02
CA HIS B 97 -5.97 5.07 -5.64
C HIS B 97 -5.20 3.99 -6.39
N HIS B 98 -4.49 3.12 -5.66
CA HIS B 98 -3.75 2.05 -6.34
C HIS B 98 -4.73 1.15 -7.08
N TRP B 99 -4.30 0.55 -8.18
CA TRP B 99 -5.17 -0.30 -8.97
C TRP B 99 -4.47 -1.56 -9.53
N HIS B 100 -5.27 -2.59 -9.80
CA HIS B 100 -4.75 -3.83 -10.36
C HIS B 100 -5.58 -4.13 -11.61
N LYS B 101 -4.91 -4.47 -12.72
CA LYS B 101 -5.59 -4.73 -13.98
C LYS B 101 -5.37 -6.14 -14.50
N SER B 102 -6.43 -6.96 -14.42
CA SER B 102 -6.37 -8.36 -14.86
C SER B 102 -7.72 -8.94 -15.31
N THR C 2 -7.05 6.62 0.11
CA THR C 2 -8.17 6.27 1.03
C THR C 2 -8.24 4.76 1.32
N THR C 3 -8.92 4.37 2.41
CA THR C 3 -9.03 2.97 2.83
C THR C 3 -10.47 2.42 2.97
N TYR C 4 -10.76 1.78 4.12
CA TYR C 4 -12.06 1.18 4.45
C TYR C 4 -12.18 0.76 5.94
N GLY C 5 -12.61 -0.49 6.19
CA GLY C 5 -12.79 -0.99 7.57
C GLY C 5 -11.97 -2.18 8.06
N VAL C 6 -12.64 -3.26 8.48
CA VAL C 6 -11.91 -4.45 8.96
C VAL C 6 -12.18 -5.66 8.10
N CYS C 7 -11.13 -6.40 7.79
CA CYS C 7 -11.22 -7.59 6.94
C CYS C 7 -12.25 -8.62 7.39
N SER C 8 -13.15 -9.00 6.50
CA SER C 8 -14.23 -9.95 6.80
C SER C 8 -13.89 -11.42 6.53
N LYS C 9 -13.22 -11.67 5.42
CA LYS C 9 -12.85 -13.03 5.02
C LYS C 9 -11.82 -13.69 5.92
N ALA C 10 -11.19 -14.73 5.40
CA ALA C 10 -10.20 -15.49 6.14
C ALA C 10 -8.82 -15.33 5.54
N PHE C 11 -7.80 -15.54 6.37
CA PHE C 11 -6.42 -15.46 5.92
C PHE C 11 -5.81 -16.84 6.03
N LYS C 12 -4.71 -17.03 5.32
CA LYS C 12 -4.02 -18.31 5.36
C LYS C 12 -2.63 -18.16 5.92
N PHE C 13 -2.26 -19.07 6.79
CA PHE C 13 -0.93 -19.04 7.36
C PHE C 13 0.01 -19.63 6.32
N LEU C 14 0.73 -18.76 5.64
CA LEU C 14 1.71 -19.22 4.65
C LEU C 14 2.84 -19.70 5.54
N GLY C 15 3.12 -21.01 5.51
CA GLY C 15 4.17 -21.59 6.33
C GLY C 15 3.84 -21.48 7.81
N THR C 16 4.82 -21.74 8.67
CA THR C 16 4.61 -21.66 10.11
C THR C 16 5.27 -20.42 10.71
N PRO C 17 4.65 -19.84 11.76
CA PRO C 17 5.16 -18.64 12.44
C PRO C 17 6.63 -18.85 12.80
N ALA C 18 7.46 -17.87 12.51
CA ALA C 18 8.89 -17.99 12.79
C ALA C 18 9.39 -17.04 13.87
N ASP C 19 10.16 -17.58 14.80
CA ASP C 19 10.73 -16.78 15.88
C ASP C 19 11.91 -15.99 15.31
N THR C 20 11.73 -14.67 15.20
CA THR C 20 12.80 -13.82 14.67
C THR C 20 14.05 -13.94 15.55
N GLY C 21 13.87 -14.56 16.71
CA GLY C 21 14.97 -14.75 17.64
C GLY C 21 15.18 -13.59 18.57
N HIS C 22 14.67 -12.42 18.19
CA HIS C 22 14.84 -11.25 19.03
C HIS C 22 13.70 -11.08 20.00
N GLY C 23 12.78 -12.03 20.00
CA GLY C 23 11.69 -11.94 20.95
C GLY C 23 10.41 -11.53 20.25
N THR C 24 10.47 -11.57 18.93
CA THR C 24 9.33 -11.24 18.11
C THR C 24 9.01 -12.40 17.18
N VAL C 25 7.75 -12.44 16.76
CA VAL C 25 7.27 -13.49 15.89
C VAL C 25 6.82 -12.93 14.54
N VAL C 26 7.25 -13.59 13.47
CA VAL C 26 6.86 -13.17 12.13
C VAL C 26 5.84 -14.12 11.53
N LEU C 27 4.87 -13.53 10.82
CA LEU C 27 3.80 -14.30 10.18
C LEU C 27 3.56 -13.89 8.74
N GLU C 28 3.17 -14.86 7.93
CA GLU C 28 2.86 -14.58 6.55
C GLU C 28 1.42 -14.97 6.29
N LEU C 29 0.63 -13.99 5.87
CA LEU C 29 -0.77 -14.23 5.60
C LEU C 29 -1.17 -13.83 4.21
N GLN C 30 -2.14 -14.56 3.69
CA GLN C 30 -2.71 -14.29 2.40
C GLN C 30 -4.21 -14.17 2.70
N TYR C 31 -4.81 -13.09 2.23
CA TYR C 31 -6.24 -12.87 2.46
C TYR C 31 -6.99 -13.45 1.26
N THR C 32 -8.18 -13.98 1.50
CA THR C 32 -8.95 -14.51 0.41
C THR C 32 -10.18 -13.69 0.12
N GLY C 33 -10.22 -12.49 0.72
CA GLY C 33 -11.33 -11.58 0.50
C GLY C 33 -11.06 -10.63 -0.67
N THR C 34 -11.85 -9.57 -0.76
CA THR C 34 -11.71 -8.56 -1.81
C THR C 34 -12.34 -7.29 -1.32
N ASP C 35 -12.61 -7.25 -0.01
CA ASP C 35 -13.23 -6.10 0.64
C ASP C 35 -12.20 -5.09 1.09
N GLY C 36 -10.93 -5.37 0.81
CA GLY C 36 -9.87 -4.47 1.18
C GLY C 36 -9.94 -3.17 0.38
N PRO C 37 -9.28 -2.10 0.86
CA PRO C 37 -8.50 -2.07 2.10
C PRO C 37 -9.33 -2.44 3.32
N CYS C 38 -8.67 -3.04 4.30
CA CYS C 38 -9.29 -3.44 5.55
C CYS C 38 -8.21 -3.84 6.54
N LYS C 39 -8.43 -3.49 7.80
CA LYS C 39 -7.50 -3.80 8.88
C LYS C 39 -7.51 -5.31 9.11
N VAL C 40 -6.37 -5.87 9.48
CA VAL C 40 -6.28 -7.29 9.74
C VAL C 40 -6.61 -7.65 11.19
N PRO C 41 -7.58 -8.56 11.37
CA PRO C 41 -8.06 -9.05 12.66
C PRO C 41 -7.02 -9.97 13.30
N ILE C 42 -6.19 -9.43 14.19
CA ILE C 42 -5.19 -10.26 14.84
C ILE C 42 -4.95 -9.81 16.29
N SER C 43 -4.48 -10.74 17.13
CA SER C 43 -4.17 -10.47 18.55
C SER C 43 -3.43 -11.65 19.19
N SER C 44 -2.39 -11.38 19.98
CA SER C 44 -1.62 -12.45 20.61
C SER C 44 -2.05 -12.73 22.05
N VAL C 45 -3.21 -13.38 22.19
CA VAL C 45 -3.77 -13.73 23.49
C VAL C 45 -3.15 -14.97 24.18
N ALA C 46 -2.98 -14.87 25.49
CA ALA C 46 -2.39 -15.93 26.33
C ALA C 46 -2.80 -17.37 25.98
N SER C 47 -4.07 -17.70 26.20
CA SER C 47 -4.56 -19.04 25.90
C SER C 47 -6.02 -18.98 25.49
N LEU C 48 -6.44 -19.94 24.65
CA LEU C 48 -7.82 -20.01 24.18
C LEU C 48 -8.79 -19.52 25.23
N ASN C 49 -8.71 -20.11 26.43
CA ASN C 49 -9.59 -19.74 27.54
C ASN C 49 -9.93 -18.24 27.56
N ASP C 50 -8.93 -17.36 27.70
CA ASP C 50 -9.22 -15.93 27.71
C ASP C 50 -8.58 -15.22 26.52
N LEU C 51 -9.42 -14.54 25.73
CA LEU C 51 -9.00 -13.82 24.52
C LEU C 51 -8.57 -12.38 24.75
N THR C 52 -7.76 -12.18 25.78
CA THR C 52 -7.27 -10.85 26.11
C THR C 52 -6.01 -10.54 25.30
N PRO C 53 -6.01 -9.41 24.57
CA PRO C 53 -4.84 -9.02 23.77
C PRO C 53 -3.62 -8.69 24.64
N VAL C 54 -2.89 -9.72 25.07
CA VAL C 54 -1.72 -9.51 25.90
C VAL C 54 -0.48 -9.57 25.02
N GLY C 55 -0.71 -9.75 23.74
CA GLY C 55 0.41 -9.77 22.82
C GLY C 55 0.36 -8.45 22.11
N ARG C 56 1.53 -7.90 21.82
CA ARG C 56 1.59 -6.61 21.13
C ARG C 56 2.26 -6.68 19.76
N LEU C 57 1.52 -6.24 18.75
CA LEU C 57 2.02 -6.22 17.39
C LEU C 57 3.12 -5.18 17.25
N VAL C 58 4.19 -5.55 16.56
CA VAL C 58 5.29 -4.62 16.34
C VAL C 58 4.87 -3.88 15.09
N THR C 59 4.53 -4.65 14.06
CA THR C 59 4.08 -4.07 12.83
C THR C 59 2.75 -3.34 13.04
N VAL C 60 2.75 -2.09 12.64
CA VAL C 60 1.60 -1.19 12.70
C VAL C 60 0.28 -1.88 12.36
N ASN C 61 -0.78 -1.58 13.11
CA ASN C 61 -2.08 -2.21 12.89
C ASN C 61 -2.25 -2.73 11.46
N PRO C 62 -1.98 -4.03 11.27
CA PRO C 62 -2.04 -4.83 10.06
C PRO C 62 -3.12 -4.47 9.03
N PHE C 63 -2.68 -4.20 7.81
CA PHE C 63 -3.60 -3.86 6.72
C PHE C 63 -3.47 -4.58 5.38
N VAL C 64 -4.60 -4.99 4.84
CA VAL C 64 -4.61 -5.54 3.50
C VAL C 64 -4.90 -4.17 2.86
N SER C 65 -3.98 -3.69 2.03
CA SER C 65 -4.12 -2.38 1.41
C SER C 65 -4.58 -2.40 -0.04
N VAL C 66 -5.29 -3.45 -0.44
CA VAL C 66 -5.80 -3.55 -1.80
C VAL C 66 -7.13 -4.30 -1.82
N ALA C 67 -7.85 -4.21 -2.94
CA ALA C 67 -9.15 -4.87 -3.06
C ALA C 67 -8.99 -6.21 -3.81
N THR C 68 -7.77 -6.49 -4.25
CA THR C 68 -7.49 -7.73 -4.95
C THR C 68 -7.51 -8.86 -3.92
N ALA C 69 -7.87 -10.06 -4.37
CA ALA C 69 -7.90 -11.17 -3.44
C ALA C 69 -6.48 -11.73 -3.34
N ASN C 70 -6.27 -12.63 -2.39
CA ASN C 70 -4.97 -13.27 -2.19
C ASN C 70 -3.78 -12.33 -2.03
N ALA C 71 -3.95 -11.30 -1.20
CA ALA C 71 -2.86 -10.34 -0.97
C ALA C 71 -2.05 -10.80 0.25
N LYS C 72 -0.73 -10.67 0.19
CA LYS C 72 0.11 -11.09 1.29
C LYS C 72 0.48 -9.99 2.28
N VAL C 73 0.43 -10.32 3.56
CA VAL C 73 0.80 -9.38 4.60
C VAL C 73 1.96 -9.97 5.37
N LEU C 74 2.77 -9.10 5.97
CA LEU C 74 3.90 -9.52 6.77
C LEU C 74 3.63 -9.02 8.19
N ILE C 75 3.53 -9.93 9.14
CA ILE C 75 3.21 -9.52 10.49
C ILE C 75 4.33 -9.82 11.48
N GLU C 76 4.52 -8.93 12.44
CA GLU C 76 5.49 -9.11 13.53
C GLU C 76 4.80 -8.79 14.86
N LEU C 77 4.97 -9.70 15.82
CA LEU C 77 4.38 -9.52 17.12
C LEU C 77 5.42 -9.84 18.16
N GLU C 78 5.08 -9.51 19.39
CA GLU C 78 5.92 -9.76 20.53
C GLU C 78 4.90 -10.36 21.47
N PRO C 79 4.73 -11.69 21.43
CA PRO C 79 3.78 -12.42 22.26
C PRO C 79 4.29 -12.52 23.68
N PRO C 80 3.39 -12.73 24.64
CA PRO C 80 3.80 -12.84 26.04
C PRO C 80 4.73 -14.02 26.20
N PHE C 81 5.50 -14.00 27.29
CA PHE C 81 6.44 -15.07 27.57
C PHE C 81 5.73 -16.34 27.96
N GLY C 82 6.38 -17.46 27.71
CA GLY C 82 5.81 -18.75 28.02
C GLY C 82 4.92 -19.17 26.86
N ASP C 83 3.79 -19.78 27.16
CA ASP C 83 2.88 -20.19 26.10
C ASP C 83 1.77 -19.19 25.93
N SER C 84 1.57 -18.76 24.69
CA SER C 84 0.54 -17.79 24.35
C SER C 84 -0.17 -18.24 23.09
N TYR C 85 -1.03 -17.38 22.57
CA TYR C 85 -1.77 -17.67 21.35
C TYR C 85 -1.76 -16.53 20.34
N ILE C 86 -2.05 -16.88 19.09
CA ILE C 86 -2.03 -15.91 18.02
C ILE C 86 -3.31 -15.98 17.20
N VAL C 87 -4.26 -15.11 17.53
CA VAL C 87 -5.54 -15.03 16.84
C VAL C 87 -5.49 -14.12 15.61
N VAL C 88 -5.99 -14.64 14.50
CA VAL C 88 -6.07 -13.94 13.22
C VAL C 88 -7.51 -14.10 12.70
N GLY C 89 -7.95 -13.22 11.81
CA GLY C 89 -9.31 -13.31 11.31
C GLY C 89 -10.32 -13.44 12.45
N ARG C 90 -11.55 -13.80 12.11
CA ARG C 90 -12.59 -13.95 13.13
C ARG C 90 -13.76 -14.73 12.57
N GLY C 91 -14.83 -14.82 13.35
CA GLY C 91 -16.00 -15.55 12.92
C GLY C 91 -15.60 -16.99 12.68
N GLU C 92 -16.07 -17.55 11.58
CA GLU C 92 -15.73 -18.92 11.24
C GLU C 92 -14.50 -18.86 10.35
N GLN C 93 -13.82 -17.72 10.41
CA GLN C 93 -12.61 -17.48 9.62
C GLN C 93 -11.44 -17.40 10.59
N GLN C 94 -11.77 -17.43 11.87
CA GLN C 94 -10.79 -17.37 12.95
C GLN C 94 -9.79 -18.52 12.92
N ILE C 95 -8.54 -18.19 13.19
CA ILE C 95 -7.46 -19.18 13.21
C ILE C 95 -6.64 -18.96 14.49
N ASN C 96 -6.33 -20.03 15.20
CA ASN C 96 -5.58 -19.90 16.43
C ASN C 96 -4.35 -20.80 16.42
N HIS C 97 -3.21 -20.18 16.68
CA HIS C 97 -1.93 -20.88 16.69
C HIS C 97 -1.22 -20.75 18.05
N HIS C 98 -1.03 -21.87 18.73
CA HIS C 98 -0.37 -21.89 20.04
C HIS C 98 1.09 -21.49 19.89
N TRP C 99 1.52 -20.47 20.63
CA TRP C 99 2.91 -20.00 20.54
C TRP C 99 3.76 -20.14 21.80
N HIS C 100 4.78 -20.97 21.74
CA HIS C 100 5.68 -21.15 22.88
C HIS C 100 6.88 -20.20 22.72
N LYS C 101 6.95 -19.24 23.64
CA LYS C 101 8.01 -18.24 23.64
C LYS C 101 9.00 -18.45 24.78
N SER C 102 10.28 -18.54 24.45
CA SER C 102 11.34 -18.73 25.46
C SER C 102 11.31 -17.64 26.56
#